data_5UJP
#
_entry.id   5UJP
#
_cell.length_a   55.352
_cell.length_b   55.352
_cell.length_c   62.982
_cell.angle_alpha   90.00
_cell.angle_beta   90.00
_cell.angle_gamma   120.00
#
_symmetry.space_group_name_H-M   'P 31'
#
loop_
_entity.id
_entity.type
_entity.pdbx_description
1 polymer 'Glyoxalase/bleomycin resisance protein/dioxygenase'
2 non-polymer 'CALCIUM ION'
3 non-polymer '2-(N-MORPHOLINO)-ETHANESULFONIC ACID'
4 water water
#
_entity_poly.entity_id   1
_entity_poly.type   'polypeptide(L)'
_entity_poly.pdbx_seq_one_letter_code
;SNALFSVPVSDQEKAKDFYVETVGFDLLADQPGVHGRWLQVAPKGADTSLVLVDWFPT(MSE)PPGSLRGLLLRTDDVDA
DCARLQERGVAVDGPKNTPWGRQA(MSE)FSDPDGNVIGLNQ
;
_entity_poly.pdbx_strand_id   A,B
#
loop_
_chem_comp.id
_chem_comp.type
_chem_comp.name
_chem_comp.formula
CA non-polymer 'CALCIUM ION' 'Ca 2'
MES non-polymer '2-(N-MORPHOLINO)-ETHANESULFONIC ACID' 'C6 H13 N O4 S'
#
# COMPACT_ATOMS: atom_id res chain seq x y z
N SER A 1 -9.72 -5.42 -7.01
CA SER A 1 -8.52 -5.77 -7.79
C SER A 1 -7.35 -6.03 -6.82
N ASN A 2 -6.52 -7.03 -7.15
CA ASN A 2 -5.47 -7.47 -6.23
C ASN A 2 -4.46 -6.37 -5.96
N ALA A 3 -4.03 -6.26 -4.70
CA ALA A 3 -2.97 -5.32 -4.30
C ALA A 3 -2.25 -5.92 -3.11
N LEU A 4 -0.97 -5.65 -3.03
CA LEU A 4 -0.14 -6.11 -1.94
C LEU A 4 0.72 -4.93 -1.48
N PHE A 5 0.77 -4.71 -0.17
N PHE A 5 0.77 -4.72 -0.17
CA PHE A 5 1.60 -3.66 0.40
CA PHE A 5 1.59 -3.66 0.42
C PHE A 5 2.52 -4.26 1.46
C PHE A 5 2.53 -4.28 1.45
N SER A 6 3.74 -3.72 1.55
CA SER A 6 4.74 -4.20 2.50
C SER A 6 4.78 -3.29 3.72
N VAL A 7 4.50 -3.86 4.88
CA VAL A 7 4.45 -3.11 6.13
C VAL A 7 5.79 -3.32 6.84
N PRO A 8 6.51 -2.25 7.18
CA PRO A 8 7.84 -2.44 7.80
C PRO A 8 7.71 -2.69 9.30
N VAL A 9 8.20 -3.88 9.73
CA VAL A 9 8.12 -4.26 11.13
C VAL A 9 9.52 -4.57 11.67
N SER A 10 9.65 -4.51 13.00
CA SER A 10 10.95 -4.79 13.62
C SER A 10 11.11 -6.24 14.04
N ASP A 11 10.01 -6.90 14.38
CA ASP A 11 10.02 -8.27 14.86
C ASP A 11 8.86 -8.98 14.18
N GLN A 12 9.17 -9.89 13.25
CA GLN A 12 8.11 -10.50 12.45
C GLN A 12 7.22 -11.41 13.28
N GLU A 13 7.76 -12.09 14.29
CA GLU A 13 6.92 -12.97 15.09
C GLU A 13 5.91 -12.17 15.89
N LYS A 14 6.33 -11.06 16.50
CA LYS A 14 5.39 -10.20 17.21
C LYS A 14 4.38 -9.58 16.24
N ALA A 15 4.80 -9.27 15.01
CA ALA A 15 3.87 -8.74 14.03
C ALA A 15 2.85 -9.80 13.63
N LYS A 16 3.27 -11.04 13.48
CA LYS A 16 2.30 -12.10 13.20
C LYS A 16 1.25 -12.22 14.31
N ASP A 17 1.69 -12.25 15.57
CA ASP A 17 0.75 -12.26 16.69
C ASP A 17 -0.26 -11.14 16.56
N PHE A 18 0.23 -9.92 16.28
CA PHE A 18 -0.66 -8.76 16.22
C PHE A 18 -1.65 -8.86 15.07
N TYR A 19 -1.15 -9.05 13.84
CA TYR A 19 -2.04 -8.95 12.68
C TYR A 19 -2.96 -10.16 12.58
N VAL A 20 -2.44 -11.34 12.84
CA VAL A 20 -3.26 -12.53 12.68
C VAL A 20 -4.14 -12.76 13.91
N GLU A 21 -3.52 -12.81 15.09
CA GLU A 21 -4.29 -13.21 16.27
C GLU A 21 -5.08 -12.04 16.87
N THR A 22 -4.43 -10.90 17.07
CA THR A 22 -5.09 -9.77 17.73
C THR A 22 -6.07 -9.07 16.79
N VAL A 23 -5.60 -8.66 15.60
CA VAL A 23 -6.48 -7.92 14.70
C VAL A 23 -7.44 -8.86 13.98
N GLY A 24 -7.00 -10.06 13.66
CA GLY A 24 -7.87 -11.03 13.01
C GLY A 24 -7.79 -11.06 11.50
N PHE A 25 -6.73 -10.55 10.90
CA PHE A 25 -6.53 -10.81 9.48
C PHE A 25 -6.17 -12.28 9.27
N ASP A 26 -6.52 -12.82 8.10
CA ASP A 26 -6.18 -14.20 7.81
C ASP A 26 -4.71 -14.32 7.42
N LEU A 27 -4.11 -15.43 7.82
CA LEU A 27 -2.73 -15.75 7.44
C LEU A 27 -2.78 -16.41 6.07
N LEU A 28 -2.11 -15.80 5.09
CA LEU A 28 -2.03 -16.39 3.76
C LEU A 28 -0.75 -17.18 3.53
N ALA A 29 0.36 -16.79 4.15
CA ALA A 29 1.61 -17.51 3.92
C ALA A 29 2.58 -17.13 5.02
N ASP A 30 3.44 -18.08 5.36
CA ASP A 30 4.54 -17.87 6.31
C ASP A 30 5.62 -18.86 5.92
N GLN A 31 6.52 -18.43 5.04
CA GLN A 31 7.44 -19.34 4.38
C GLN A 31 8.64 -18.54 3.95
N PRO A 32 9.77 -19.19 3.71
CA PRO A 32 10.94 -18.47 3.19
C PRO A 32 10.62 -17.75 1.88
N GLY A 33 11.13 -16.52 1.75
CA GLY A 33 11.08 -15.76 0.53
C GLY A 33 12.48 -15.35 0.06
N VAL A 34 12.50 -14.56 -1.01
CA VAL A 34 13.79 -14.15 -1.59
C VAL A 34 14.59 -13.29 -0.62
N HIS A 35 13.93 -12.40 0.14
CA HIS A 35 14.63 -11.42 0.95
C HIS A 35 14.56 -11.71 2.44
N GLY A 36 13.82 -12.74 2.83
CA GLY A 36 13.58 -12.97 4.23
C GLY A 36 12.33 -13.81 4.39
N ARG A 37 11.84 -13.87 5.61
CA ARG A 37 10.61 -14.58 5.92
C ARG A 37 9.43 -13.88 5.25
N TRP A 38 8.72 -14.59 4.37
CA TRP A 38 7.57 -14.04 3.66
C TRP A 38 6.34 -14.34 4.50
N LEU A 39 5.80 -13.28 5.12
CA LEU A 39 4.71 -13.38 6.09
C LEU A 39 3.60 -12.48 5.57
N GLN A 40 2.53 -13.10 5.07
CA GLN A 40 1.51 -12.39 4.31
C GLN A 40 0.13 -12.60 4.94
N VAL A 41 -0.62 -11.52 5.14
CA VAL A 41 -1.93 -11.54 5.76
C VAL A 41 -2.92 -10.73 4.93
N ALA A 42 -4.21 -10.99 5.14
CA ALA A 42 -5.21 -10.19 4.42
C ALA A 42 -6.51 -10.21 5.21
N PRO A 43 -7.28 -9.13 5.20
CA PRO A 43 -8.60 -9.16 5.84
C PRO A 43 -9.47 -10.19 5.16
N LYS A 44 -10.36 -10.79 5.95
CA LYS A 44 -11.35 -11.66 5.36
C LYS A 44 -12.20 -10.87 4.38
N GLY A 45 -12.40 -11.45 3.22
CA GLY A 45 -13.20 -10.84 2.19
C GLY A 45 -12.44 -9.94 1.24
N ALA A 46 -11.20 -9.63 1.53
CA ALA A 46 -10.50 -8.57 0.78
C ALA A 46 -9.62 -9.19 -0.29
N ASP A 47 -9.27 -8.38 -1.29
CA ASP A 47 -8.24 -8.76 -2.23
C ASP A 47 -7.00 -7.90 -2.08
N THR A 48 -6.88 -7.26 -0.92
CA THR A 48 -5.68 -6.51 -0.57
C THR A 48 -4.96 -7.24 0.55
N SER A 49 -3.67 -7.49 0.37
N SER A 49 -3.67 -7.50 0.38
CA SER A 49 -2.85 -8.19 1.35
CA SER A 49 -2.90 -8.21 1.38
C SER A 49 -1.76 -7.28 1.89
C SER A 49 -1.72 -7.37 1.85
N LEU A 50 -1.27 -7.64 3.08
CA LEU A 50 -0.12 -6.98 3.70
C LEU A 50 0.96 -8.02 3.88
N VAL A 51 2.18 -7.68 3.53
CA VAL A 51 3.34 -8.51 3.81
C VAL A 51 4.13 -7.80 4.90
N LEU A 52 4.46 -8.55 5.94
CA LEU A 52 5.06 -7.97 7.14
C LEU A 52 6.56 -8.19 7.02
N VAL A 53 7.29 -7.14 6.63
CA VAL A 53 8.65 -7.26 6.15
C VAL A 53 9.63 -6.55 7.07
N ASP A 54 10.90 -6.95 6.96
CA ASP A 54 11.93 -6.28 7.73
C ASP A 54 13.17 -5.94 6.92
N TRP A 55 13.06 -5.97 5.58
CA TRP A 55 14.23 -5.88 4.72
C TRP A 55 14.27 -4.64 3.80
N PHE A 56 13.44 -3.64 4.04
CA PHE A 56 13.44 -2.39 3.27
C PHE A 56 13.86 -1.26 4.20
N PRO A 57 15.16 -0.98 4.35
CA PRO A 57 15.61 -0.01 5.36
C PRO A 57 15.23 1.43 5.07
N THR A 58 14.86 1.77 3.83
CA THR A 58 14.27 3.08 3.57
C THR A 58 12.91 3.27 4.25
N MSE A 59 12.28 2.18 4.70
N MSE A 59 12.26 2.19 4.69
CA MSE A 59 11.05 2.22 5.47
CA MSE A 59 11.03 2.24 5.47
C MSE A 59 11.35 1.71 6.88
C MSE A 59 11.35 1.72 6.87
O MSE A 59 11.33 0.51 7.14
O MSE A 59 11.33 0.51 7.11
CB MSE A 59 9.98 1.35 4.78
CB MSE A 59 9.96 1.36 4.80
CG MSE A 59 9.77 1.72 3.34
CG MSE A 59 9.76 1.59 3.30
SE MSE A 59 8.27 0.73 2.58
SE MSE A 59 8.31 0.48 2.56
CE MSE A 59 8.69 -1.08 3.05
CE MSE A 59 6.79 1.13 3.62
N PRO A 60 11.66 2.61 7.82
CA PRO A 60 11.96 2.16 9.17
C PRO A 60 10.76 1.49 9.80
N PRO A 61 10.98 0.57 10.75
CA PRO A 61 9.87 -0.08 11.43
C PRO A 61 8.90 0.95 12.01
N GLY A 62 7.60 0.71 11.77
CA GLY A 62 6.55 1.57 12.29
C GLY A 62 6.31 2.85 11.53
N SER A 63 6.91 3.00 10.34
CA SER A 63 6.87 4.24 9.58
C SER A 63 5.68 4.37 8.66
N LEU A 64 4.84 3.33 8.53
CA LEU A 64 3.77 3.36 7.56
C LEU A 64 2.66 4.31 7.98
N ARG A 65 2.21 5.14 7.04
CA ARG A 65 1.08 6.03 7.26
C ARG A 65 0.25 6.06 5.99
N GLY A 66 -0.98 6.61 6.12
CA GLY A 66 -1.75 6.92 4.92
C GLY A 66 -2.33 5.73 4.19
N LEU A 67 -2.49 4.59 4.87
CA LEU A 67 -3.09 3.39 4.28
C LEU A 67 -4.53 3.22 4.79
N LEU A 68 -5.48 3.00 3.87
CA LEU A 68 -6.87 2.71 4.23
C LEU A 68 -7.32 1.40 3.58
N LEU A 69 -7.93 0.54 4.38
CA LEU A 69 -8.54 -0.69 3.90
C LEU A 69 -10.04 -0.65 4.12
N ARG A 70 -10.79 -1.16 3.17
CA ARG A 70 -12.24 -1.19 3.31
C ARG A 70 -12.64 -2.12 4.45
N THR A 71 -13.71 -1.73 5.16
CA THR A 71 -14.37 -2.61 6.10
C THR A 71 -15.87 -2.44 5.94
N ASP A 72 -16.63 -3.44 6.34
CA ASP A 72 -18.08 -3.29 6.25
C ASP A 72 -18.71 -2.80 7.53
N ASP A 73 -17.95 -2.72 8.62
CA ASP A 73 -18.49 -2.27 9.90
C ASP A 73 -17.35 -1.73 10.74
N VAL A 74 -17.01 -0.46 10.54
CA VAL A 74 -15.86 0.10 11.26
C VAL A 74 -16.11 0.19 12.76
N ASP A 75 -17.35 0.44 13.18
CA ASP A 75 -17.64 0.51 14.61
C ASP A 75 -17.40 -0.84 15.29
N ALA A 76 -17.80 -1.94 14.63
CA ALA A 76 -17.53 -3.27 15.17
C ALA A 76 -16.04 -3.52 15.27
N ASP A 77 -15.31 -3.17 14.22
CA ASP A 77 -13.87 -3.37 14.24
C ASP A 77 -13.23 -2.60 15.40
N CYS A 78 -13.67 -1.35 15.62
CA CYS A 78 -13.06 -0.55 16.68
C CYS A 78 -13.35 -1.12 18.05
N ALA A 79 -14.57 -1.61 18.26
CA ALA A 79 -14.91 -2.12 19.58
C ALA A 79 -14.07 -3.35 19.91
N ARG A 80 -13.86 -4.20 18.91
CA ARG A 80 -13.10 -5.42 19.10
C ARG A 80 -11.64 -5.08 19.35
N LEU A 81 -11.09 -4.14 18.58
CA LEU A 81 -9.69 -3.75 18.76
C LEU A 81 -9.46 -3.16 20.16
N GLN A 82 -10.29 -2.19 20.58
CA GLN A 82 -10.12 -1.61 21.91
C GLN A 82 -10.26 -2.66 23.00
N GLU A 83 -11.19 -3.60 22.84
CA GLU A 83 -11.33 -4.67 23.82
C GLU A 83 -10.03 -5.44 23.94
N ARG A 84 -9.29 -5.56 22.84
CA ARG A 84 -8.08 -6.37 22.83
C ARG A 84 -6.83 -5.56 23.15
N GLY A 85 -6.99 -4.35 23.66
CA GLY A 85 -5.85 -3.54 24.05
C GLY A 85 -5.18 -2.79 22.93
N VAL A 86 -5.88 -2.50 21.85
CA VAL A 86 -5.27 -1.78 20.74
C VAL A 86 -5.71 -0.33 20.78
N ALA A 87 -4.77 0.58 20.51
CA ALA A 87 -5.08 2.00 20.45
C ALA A 87 -5.85 2.32 19.17
N VAL A 88 -7.01 2.97 19.32
CA VAL A 88 -7.87 3.31 18.18
C VAL A 88 -8.24 4.79 18.20
N ASP A 89 -8.13 5.43 17.03
CA ASP A 89 -8.57 6.80 16.81
C ASP A 89 -9.80 6.74 15.92
N GLY A 90 -10.93 7.16 16.46
CA GLY A 90 -12.16 7.10 15.69
C GLY A 90 -13.12 6.14 16.34
N PRO A 91 -14.18 5.73 15.61
CA PRO A 91 -14.49 6.16 14.24
C PRO A 91 -14.91 7.61 14.13
N LYS A 92 -14.70 8.16 12.94
CA LYS A 92 -15.12 9.51 12.59
C LYS A 92 -15.69 9.55 11.17
N ASN A 93 -16.74 10.33 10.99
CA ASN A 93 -17.35 10.48 9.69
C ASN A 93 -16.58 11.46 8.82
N THR A 94 -16.55 11.19 7.52
CA THR A 94 -16.06 12.11 6.51
C THR A 94 -17.09 12.07 5.41
N PRO A 95 -16.93 12.86 4.34
CA PRO A 95 -17.85 12.71 3.21
C PRO A 95 -17.65 11.40 2.47
N TRP A 96 -16.51 10.73 2.64
CA TRP A 96 -16.15 9.57 1.84
C TRP A 96 -16.29 8.24 2.58
N GLY A 97 -16.96 8.23 3.72
CA GLY A 97 -17.06 7.04 4.52
C GLY A 97 -16.70 7.33 5.96
N ARG A 98 -16.85 6.30 6.77
CA ARG A 98 -16.67 6.40 8.21
C ARG A 98 -15.39 5.64 8.54
N GLN A 99 -14.45 6.31 9.18
CA GLN A 99 -13.09 5.74 9.21
C GLN A 99 -12.51 5.75 10.61
N ALA A 100 -11.50 4.90 10.79
CA ALA A 100 -10.79 4.86 12.05
C ALA A 100 -9.35 4.44 11.77
N MSE A 101 -8.45 4.74 12.72
CA MSE A 101 -7.04 4.38 12.58
C MSE A 101 -6.62 3.62 13.81
O MSE A 101 -7.09 3.91 14.92
CB MSE A 101 -6.21 5.66 12.47
CG MSE A 101 -6.89 6.79 11.73
SE MSE A 101 -7.27 6.36 9.85
CE MSE A 101 -5.43 6.25 9.21
N PHE A 102 -5.73 2.67 13.66
CA PHE A 102 -5.11 2.03 14.78
C PHE A 102 -3.63 1.78 14.47
N SER A 103 -2.85 1.57 15.52
CA SER A 103 -1.42 1.43 15.40
C SER A 103 -1.02 0.00 15.75
N ASP A 104 0.00 -0.51 15.05
CA ASP A 104 0.59 -1.79 15.39
C ASP A 104 1.69 -1.59 16.43
N PRO A 105 2.29 -2.68 16.92
CA PRO A 105 3.35 -2.54 17.94
C PRO A 105 4.49 -1.61 17.59
N ASP A 106 4.85 -1.52 16.30
CA ASP A 106 5.97 -0.66 15.93
C ASP A 106 5.54 0.77 15.69
N GLY A 107 4.23 1.01 15.57
CA GLY A 107 3.75 2.35 15.25
C GLY A 107 3.22 2.53 13.85
N ASN A 108 3.22 1.49 13.01
CA ASN A 108 2.58 1.61 11.71
C ASN A 108 1.10 1.89 11.92
N VAL A 109 0.55 2.81 11.15
CA VAL A 109 -0.85 3.19 11.29
C VAL A 109 -1.64 2.51 10.17
N ILE A 110 -2.65 1.75 10.57
CA ILE A 110 -3.55 1.05 9.64
C ILE A 110 -4.88 1.78 9.72
N GLY A 111 -5.40 2.22 8.57
CA GLY A 111 -6.70 2.86 8.51
C GLY A 111 -7.77 1.91 8.01
N LEU A 112 -8.98 2.05 8.54
CA LEU A 112 -10.15 1.28 8.11
C LEU A 112 -11.20 2.29 7.69
N ASN A 113 -11.85 2.05 6.57
CA ASN A 113 -12.87 2.96 6.06
C ASN A 113 -14.06 2.15 5.59
N GLN A 114 -15.22 2.50 6.07
CA GLN A 114 -16.47 1.84 5.70
C GLN A 114 -17.16 2.66 4.61
N SER B 1 -11.64 -5.31 -3.37
CA SER B 1 -12.10 -4.50 -2.24
C SER B 1 -11.25 -3.22 -2.18
N ASN B 2 -11.91 -2.10 -1.85
CA ASN B 2 -11.22 -0.81 -1.90
C ASN B 2 -10.02 -0.77 -0.98
N ALA B 3 -8.96 -0.14 -1.47
CA ALA B 3 -7.77 0.12 -0.67
C ALA B 3 -7.14 1.40 -1.19
N LEU B 4 -6.48 2.12 -0.27
CA LEU B 4 -5.80 3.36 -0.61
C LEU B 4 -4.43 3.34 0.04
N PHE B 5 -3.38 3.61 -0.74
N PHE B 5 -3.42 3.72 -0.71
CA PHE B 5 -2.01 3.71 -0.24
CA PHE B 5 -2.05 3.73 -0.22
C PHE B 5 -1.47 5.10 -0.55
C PHE B 5 -1.43 5.07 -0.57
N SER B 6 -0.64 5.62 0.36
CA SER B 6 0.01 6.92 0.18
C SER B 6 1.43 6.69 -0.29
N VAL B 7 1.80 7.35 -1.39
CA VAL B 7 3.14 7.25 -1.98
C VAL B 7 3.83 8.57 -1.72
N PRO B 8 5.00 8.58 -1.07
CA PRO B 8 5.67 9.84 -0.71
C PRO B 8 6.47 10.40 -1.88
N VAL B 9 6.10 11.59 -2.34
CA VAL B 9 6.78 12.22 -3.47
C VAL B 9 7.27 13.59 -3.03
N SER B 10 8.15 14.17 -3.85
CA SER B 10 8.65 15.51 -3.57
C SER B 10 7.92 16.55 -4.41
N ASP B 11 7.91 16.38 -5.72
CA ASP B 11 7.31 17.34 -6.65
C ASP B 11 5.99 16.69 -7.07
N GLN B 12 4.87 17.18 -6.52
CA GLN B 12 3.57 16.55 -6.81
C GLN B 12 3.16 16.74 -8.27
N GLU B 13 3.52 17.87 -8.88
CA GLU B 13 3.17 18.06 -10.29
C GLU B 13 3.93 17.09 -11.20
N LYS B 14 5.23 16.87 -10.91
CA LYS B 14 6.02 15.89 -11.66
C LYS B 14 5.47 14.49 -11.43
N ALA B 15 5.05 14.20 -10.20
CA ALA B 15 4.50 12.87 -9.90
C ALA B 15 3.19 12.65 -10.65
N LYS B 16 2.34 13.68 -10.72
CA LYS B 16 1.11 13.58 -11.49
C LYS B 16 1.42 13.27 -12.95
N ASP B 17 2.38 13.99 -13.54
CA ASP B 17 2.79 13.72 -14.91
C ASP B 17 3.25 12.28 -15.07
N PHE B 18 4.00 11.76 -14.09
CA PHE B 18 4.54 10.42 -14.18
C PHE B 18 3.44 9.38 -14.07
N TYR B 19 2.65 9.44 -12.98
CA TYR B 19 1.68 8.35 -12.77
C TYR B 19 0.52 8.37 -13.77
N VAL B 20 0.07 9.58 -14.15
CA VAL B 20 -1.08 9.69 -15.03
C VAL B 20 -0.70 9.51 -16.49
N GLU B 21 0.37 10.18 -16.94
CA GLU B 21 0.69 10.10 -18.38
C GLU B 21 1.73 9.02 -18.71
N THR B 22 2.81 8.94 -17.97
CA THR B 22 3.82 7.92 -18.25
C THR B 22 3.31 6.52 -17.98
N VAL B 23 2.84 6.26 -16.75
CA VAL B 23 2.41 4.90 -16.42
C VAL B 23 1.00 4.61 -16.96
N GLY B 24 0.18 5.64 -17.12
CA GLY B 24 -1.17 5.42 -17.65
C GLY B 24 -2.23 5.17 -16.60
N PHE B 25 -2.02 5.60 -15.35
CA PHE B 25 -3.07 5.47 -14.36
C PHE B 25 -4.12 6.55 -14.59
N ASP B 26 -5.34 6.28 -14.11
CA ASP B 26 -6.41 7.28 -14.13
C ASP B 26 -6.22 8.29 -13.01
N LEU B 27 -6.58 9.55 -13.29
CA LEU B 27 -6.61 10.58 -12.27
C LEU B 27 -7.98 10.54 -11.60
N LEU B 28 -8.01 10.32 -10.29
CA LEU B 28 -9.27 10.32 -9.55
C LEU B 28 -9.57 11.63 -8.83
N ALA B 29 -8.54 12.36 -8.39
CA ALA B 29 -8.75 13.61 -7.68
C ALA B 29 -7.49 14.47 -7.76
N ASP B 30 -7.68 15.79 -7.79
CA ASP B 30 -6.56 16.74 -7.68
C ASP B 30 -7.15 18.04 -7.14
N GLN B 31 -7.03 18.26 -5.83
CA GLN B 31 -7.68 19.40 -5.20
C GLN B 31 -6.97 19.73 -3.90
N PRO B 32 -7.00 21.00 -3.46
CA PRO B 32 -6.36 21.34 -2.18
C PRO B 32 -7.03 20.63 -1.02
N GLY B 33 -6.21 20.22 -0.05
CA GLY B 33 -6.73 19.47 1.08
C GLY B 33 -6.22 19.92 2.44
N VAL B 34 -6.54 19.14 3.48
CA VAL B 34 -6.23 19.55 4.84
C VAL B 34 -4.73 19.58 5.08
N HIS B 35 -4.04 18.52 4.67
CA HIS B 35 -2.61 18.40 4.93
C HIS B 35 -1.76 18.89 3.75
N GLY B 36 -2.39 19.30 2.65
CA GLY B 36 -1.67 19.60 1.43
C GLY B 36 -2.52 19.26 0.22
N ARG B 37 -1.91 19.37 -0.95
CA ARG B 37 -2.61 19.03 -2.18
C ARG B 37 -2.97 17.55 -2.21
N TRP B 38 -4.25 17.24 -2.40
CA TRP B 38 -4.70 15.86 -2.48
C TRP B 38 -4.75 15.42 -3.94
N LEU B 39 -3.88 14.49 -4.29
CA LEU B 39 -3.63 14.06 -5.65
C LEU B 39 -3.74 12.54 -5.63
N GLN B 40 -4.75 11.98 -6.32
CA GLN B 40 -5.12 10.58 -6.20
C GLN B 40 -5.25 9.94 -7.57
N VAL B 41 -4.58 8.80 -7.76
CA VAL B 41 -4.57 8.09 -9.04
C VAL B 41 -4.85 6.62 -8.78
N ALA B 42 -5.17 5.87 -9.86
CA ALA B 42 -5.43 4.44 -9.72
C ALA B 42 -5.30 3.77 -11.07
N PRO B 43 -4.88 2.49 -11.12
CA PRO B 43 -4.84 1.78 -12.41
C PRO B 43 -6.24 1.70 -12.97
N LYS B 44 -6.33 1.66 -14.31
CA LYS B 44 -7.62 1.50 -14.94
C LYS B 44 -8.33 0.24 -14.43
N GLY B 45 -9.62 0.36 -14.13
CA GLY B 45 -10.45 -0.73 -13.57
C GLY B 45 -10.11 -1.21 -12.17
N ALA B 46 -9.19 -0.56 -11.47
CA ALA B 46 -8.82 -1.02 -10.15
C ALA B 46 -9.70 -0.37 -9.07
N ASP B 47 -9.71 -1.03 -7.91
CA ASP B 47 -10.27 -0.43 -6.71
C ASP B 47 -9.18 -0.14 -5.68
N THR B 48 -7.92 -0.14 -6.10
CA THR B 48 -6.80 0.28 -5.27
C THR B 48 -6.29 1.61 -5.84
N SER B 49 -6.19 2.63 -4.98
CA SER B 49 -5.71 3.91 -5.45
C SER B 49 -4.46 4.31 -4.70
N LEU B 50 -3.70 5.23 -5.31
CA LEU B 50 -2.48 5.78 -4.73
C LEU B 50 -2.68 7.29 -4.54
N VAL B 51 -2.36 7.79 -3.35
CA VAL B 51 -2.38 9.22 -3.06
C VAL B 51 -0.94 9.70 -3.03
N LEU B 52 -0.62 10.72 -3.83
CA LEU B 52 0.78 11.14 -4.01
C LEU B 52 1.03 12.29 -3.04
N VAL B 53 1.63 11.98 -1.88
CA VAL B 53 1.62 12.89 -0.75
C VAL B 53 3.02 13.40 -0.47
N ASP B 54 3.09 14.45 0.37
CA ASP B 54 4.40 14.93 0.82
C ASP B 54 4.39 15.31 2.28
N TRP B 55 3.44 14.78 3.07
CA TRP B 55 3.24 15.30 4.43
C TRP B 55 3.43 14.26 5.53
N PHE B 56 4.04 13.12 5.24
CA PHE B 56 4.34 12.15 6.31
C PHE B 56 5.83 12.15 6.56
N PRO B 57 6.29 12.69 7.68
CA PRO B 57 7.74 12.70 7.97
C PRO B 57 8.38 11.33 7.98
N THR B 58 7.66 10.29 8.42
CA THR B 58 8.23 8.96 8.47
C THR B 58 8.33 8.32 7.10
N MSE B 59 7.79 8.95 6.06
CA MSE B 59 7.89 8.44 4.68
C MSE B 59 8.53 9.51 3.78
O MSE B 59 7.84 10.24 3.14
CB MSE B 59 6.51 8.05 4.16
CG MSE B 59 5.81 7.03 5.05
SE MSE B 59 4.04 6.51 4.39
CE MSE B 59 4.52 5.33 2.89
N PRO B 60 9.85 9.57 3.78
CA PRO B 60 10.55 10.54 2.92
C PRO B 60 10.27 10.27 1.44
N PRO B 61 10.36 11.30 0.60
CA PRO B 61 10.13 11.06 -0.84
C PRO B 61 11.04 9.99 -1.36
N GLY B 62 10.47 9.06 -2.12
CA GLY B 62 11.24 8.03 -2.76
C GLY B 62 11.55 6.82 -1.91
N SER B 63 11.04 6.74 -0.68
CA SER B 63 11.40 5.67 0.23
C SER B 63 10.54 4.41 0.11
N LEU B 64 9.46 4.44 -0.67
CA LEU B 64 8.49 3.36 -0.68
C LEU B 64 9.00 2.16 -1.47
N ARG B 65 8.83 0.96 -0.89
CA ARG B 65 9.20 -0.30 -1.53
C ARG B 65 8.10 -1.34 -1.28
N GLY B 66 8.10 -2.39 -2.07
CA GLY B 66 7.30 -3.57 -1.75
C GLY B 66 5.83 -3.46 -2.05
N LEU B 67 5.44 -2.59 -2.96
CA LEU B 67 4.06 -2.43 -3.40
C LEU B 67 3.84 -3.13 -4.74
N LEU B 68 2.79 -3.98 -4.80
CA LEU B 68 2.50 -4.75 -6.02
C LEU B 68 1.04 -4.55 -6.36
N LEU B 69 0.76 -4.14 -7.60
CA LEU B 69 -0.59 -3.96 -8.10
C LEU B 69 -0.90 -4.92 -9.24
N ARG B 70 -2.12 -5.40 -9.31
CA ARG B 70 -2.54 -6.23 -10.43
C ARG B 70 -2.48 -5.43 -11.71
N THR B 71 -2.05 -6.13 -12.80
CA THR B 71 -2.23 -5.67 -14.17
C THR B 71 -2.71 -6.83 -15.03
N ASP B 72 -3.44 -6.50 -16.07
CA ASP B 72 -3.91 -7.55 -16.97
C ASP B 72 -2.88 -7.90 -18.04
N ASP B 73 -1.82 -7.09 -18.16
CA ASP B 73 -0.88 -7.28 -19.27
C ASP B 73 0.46 -6.61 -18.90
N VAL B 74 1.31 -7.36 -18.19
CA VAL B 74 2.56 -6.77 -17.73
C VAL B 74 3.49 -6.47 -18.92
N ASP B 75 3.44 -7.29 -19.97
CA ASP B 75 4.30 -7.03 -21.13
C ASP B 75 3.92 -5.71 -21.80
N ALA B 76 2.63 -5.43 -21.90
CA ALA B 76 2.21 -4.17 -22.49
C ALA B 76 2.65 -2.99 -21.64
N ASP B 77 2.50 -3.11 -20.32
CA ASP B 77 2.89 -2.02 -19.44
C ASP B 77 4.37 -1.75 -19.59
N CYS B 78 5.17 -2.81 -19.66
CA CYS B 78 6.62 -2.63 -19.77
C CYS B 78 6.99 -1.96 -21.09
N ALA B 79 6.34 -2.39 -22.18
CA ALA B 79 6.58 -1.76 -23.47
C ALA B 79 6.29 -0.27 -23.43
N ARG B 80 5.16 0.12 -22.83
CA ARG B 80 4.83 1.54 -22.72
C ARG B 80 5.85 2.28 -21.87
N LEU B 81 6.23 1.69 -20.74
CA LEU B 81 7.21 2.32 -19.87
C LEU B 81 8.54 2.51 -20.59
N GLN B 82 9.03 1.48 -21.27
CA GLN B 82 10.30 1.63 -21.97
C GLN B 82 10.22 2.62 -23.13
N GLU B 83 9.07 2.71 -23.81
CA GLU B 83 8.91 3.69 -24.87
C GLU B 83 9.05 5.10 -24.31
N ARG B 84 8.68 5.27 -23.05
CA ARG B 84 8.72 6.57 -22.40
C ARG B 84 9.98 6.79 -21.56
N GLY B 85 10.99 5.94 -21.72
CA GLY B 85 12.26 6.22 -21.09
C GLY B 85 12.39 5.76 -19.66
N VAL B 86 11.50 4.89 -19.18
CA VAL B 86 11.57 4.35 -17.83
C VAL B 86 12.28 3.00 -17.88
N ALA B 87 13.32 2.83 -17.06
CA ALA B 87 13.94 1.53 -16.89
C ALA B 87 12.99 0.60 -16.16
N VAL B 88 12.87 -0.63 -16.64
CA VAL B 88 11.95 -1.58 -16.05
C VAL B 88 12.76 -2.80 -15.66
N ASP B 89 12.59 -3.24 -14.42
CA ASP B 89 13.19 -4.46 -13.92
C ASP B 89 12.20 -5.57 -14.24
N GLY B 90 12.50 -6.32 -15.28
CA GLY B 90 11.60 -7.34 -15.75
C GLY B 90 11.08 -7.00 -17.13
N PRO B 91 9.96 -7.61 -17.52
CA PRO B 91 9.15 -8.54 -16.74
C PRO B 91 9.79 -9.93 -16.54
N LYS B 92 9.42 -10.64 -15.47
CA LYS B 92 9.94 -11.98 -15.21
C LYS B 92 8.81 -12.88 -14.74
N ASN B 93 8.96 -14.18 -15.00
CA ASN B 93 7.87 -15.14 -14.84
C ASN B 93 7.61 -15.48 -13.37
N THR B 94 6.33 -15.82 -13.07
CA THR B 94 5.87 -16.22 -11.73
C THR B 94 4.80 -17.30 -11.88
N PRO B 95 4.47 -18.03 -10.82
CA PRO B 95 3.44 -19.08 -10.92
C PRO B 95 2.07 -18.63 -11.44
N TRP B 96 1.73 -17.34 -11.38
CA TRP B 96 0.46 -16.91 -11.94
C TRP B 96 0.65 -15.48 -12.44
N GLY B 97 1.09 -15.37 -13.70
CA GLY B 97 1.32 -14.09 -14.34
C GLY B 97 2.68 -13.47 -14.09
N ARG B 98 3.24 -12.80 -15.08
CA ARG B 98 4.58 -12.30 -14.80
C ARG B 98 4.50 -10.92 -14.15
N GLN B 99 5.63 -10.50 -13.62
CA GLN B 99 5.69 -9.25 -12.88
C GLN B 99 6.83 -8.37 -13.38
N ALA B 100 6.81 -7.12 -12.94
CA ALA B 100 7.81 -6.13 -13.33
C ALA B 100 7.81 -5.02 -12.31
N MSE B 101 8.96 -4.38 -12.17
N MSE B 101 8.98 -4.40 -12.13
CA MSE B 101 9.13 -3.29 -11.21
CA MSE B 101 9.13 -3.28 -11.21
C MSE B 101 9.79 -2.11 -11.89
C MSE B 101 9.75 -2.11 -11.92
O MSE B 101 10.54 -2.27 -12.85
O MSE B 101 10.43 -2.26 -12.94
CB MSE B 101 9.97 -3.73 -10.01
CB MSE B 101 10.01 -3.66 -10.02
CG MSE B 101 9.19 -4.46 -8.93
CG MSE B 101 9.25 -4.03 -8.78
SE MSE B 101 10.29 -4.86 -7.38
SE MSE B 101 8.49 -5.81 -8.94
CE MSE B 101 11.43 -6.24 -8.17
CE MSE B 101 10.16 -6.80 -9.11
N PHE B 102 9.49 -0.92 -11.38
CA PHE B 102 10.10 0.29 -11.92
C PHE B 102 10.06 1.35 -10.84
N SER B 103 10.79 2.42 -11.04
CA SER B 103 10.95 3.48 -10.06
C SER B 103 10.28 4.73 -10.61
N ASP B 104 9.63 5.49 -9.72
CA ASP B 104 9.13 6.82 -10.05
C ASP B 104 10.25 7.86 -9.94
N PRO B 105 10.00 9.11 -10.29
CA PRO B 105 11.10 10.09 -10.28
C PRO B 105 11.82 10.24 -8.94
N ASP B 106 11.15 9.97 -7.84
CA ASP B 106 11.75 10.10 -6.51
C ASP B 106 12.51 8.86 -6.07
N GLY B 107 12.26 7.72 -6.71
CA GLY B 107 12.85 6.45 -6.35
C GLY B 107 11.91 5.47 -5.69
N ASN B 108 10.63 5.81 -5.52
CA ASN B 108 9.67 4.81 -5.03
C ASN B 108 9.58 3.69 -6.05
N VAL B 109 9.51 2.45 -5.56
CA VAL B 109 9.51 1.27 -6.42
C VAL B 109 8.08 0.70 -6.49
N ILE B 110 7.52 0.68 -7.70
CA ILE B 110 6.17 0.16 -7.94
C ILE B 110 6.30 -1.17 -8.67
N GLY B 111 5.52 -2.16 -8.25
CA GLY B 111 5.47 -3.44 -8.92
C GLY B 111 4.12 -3.67 -9.57
N LEU B 112 4.17 -4.36 -10.72
CA LEU B 112 2.96 -4.78 -11.44
C LEU B 112 3.03 -6.29 -11.63
N ASN B 113 1.90 -6.97 -11.42
CA ASN B 113 1.87 -8.43 -11.52
C ASN B 113 0.62 -8.86 -12.27
N GLN B 114 0.80 -9.77 -13.21
CA GLN B 114 -0.28 -10.20 -14.09
C GLN B 114 -1.19 -11.25 -13.46
CA CA C . -7.84 -4.01 -3.69
O1 MES D . -10.20 9.41 1.37
C2 MES D . -11.00 10.22 0.52
C3 MES D . -10.37 11.59 0.28
N4 MES D . -9.86 12.15 1.53
C5 MES D . -9.20 11.29 2.51
C6 MES D . -10.02 10.02 2.64
C7 MES D . -9.34 13.51 1.43
C8 MES D . -9.10 13.99 2.85
S MES D . -8.34 15.47 2.82
O1S MES D . -9.10 16.41 3.65
O2S MES D . -6.97 15.34 3.37
O3S MES D . -8.26 16.00 1.45
#